data_5HES
#
_entry.id   5HES
#
_cell.length_a   78.712
_cell.length_b   78.712
_cell.length_c   133.345
_cell.angle_alpha   90.00
_cell.angle_beta   90.00
_cell.angle_gamma   90.00
#
_symmetry.space_group_name_H-M   'P 41'
#
loop_
_entity.id
_entity.type
_entity.pdbx_description
1 polymer 'Mitogen-activated protein kinase kinase kinase MLT'
2 non-polymer N-(3-{[5-(4-chlorophenyl)-1H-pyrrolo[2,3-b]pyridin-3-yl]carbonyl}-2,4-difluorophenyl)propane-1-sulfonamide
3 non-polymer 1,2-ETHANEDIOL
4 water water
#
_entity_poly.entity_id   1
_entity_poly.type   'polypeptide(L)'
_entity_poly.pdbx_seq_one_letter_code
;SMGASFVQIKFDDLQFFENCGGGSFGSVYRAKWISQDKEVAVKKLLKIEKEAEILSVLSHRNIIQFYGVILEPPNYGIVT
EYASLGSLYDYINSNRSEEMDMDHIMTWATDVAKGMHYLHMEAPVKVIHRDLKSRNVVIAADGVLKICDFGASRFHNH
(TPO)THMSLVGTFPWMAPEVIQSLPVSETCDTYSYGVVLWEMLTREVPFKGLEGLQVAWLVVEKNERLTIPSSCPRSFA
ELLHQCWEADAKKRPSFKQIISILESMSNDTSLPDKCNSFLHNKAEWRCEIEATLERLKKLERDLSFKEQELK
;
_entity_poly.pdbx_strand_id   A,B
#
# COMPACT_ATOMS: atom_id res chain seq x y z
N ALA A 4 8.06 10.30 42.14
CA ALA A 4 7.03 9.29 41.62
C ALA A 4 7.77 7.92 41.67
N SER A 5 7.08 6.86 41.28
CA SER A 5 7.66 5.58 41.03
C SER A 5 7.88 5.37 39.52
N PHE A 6 7.73 6.40 38.68
CA PHE A 6 8.06 6.26 37.29
C PHE A 6 8.84 7.51 36.84
N VAL A 7 9.59 7.36 35.79
CA VAL A 7 10.35 8.50 35.24
C VAL A 7 9.34 9.54 34.64
N GLN A 8 9.60 10.77 34.95
CA GLN A 8 8.87 11.92 34.48
C GLN A 8 9.69 12.70 33.52
N ILE A 9 9.11 13.16 32.42
CA ILE A 9 9.95 13.82 31.39
C ILE A 9 9.28 15.13 31.20
N LYS A 10 10.05 16.21 31.19
CA LYS A 10 9.43 17.51 31.15
C LYS A 10 8.97 17.82 29.75
N PHE A 11 7.81 18.43 29.67
CA PHE A 11 7.24 18.89 28.35
C PHE A 11 8.22 19.71 27.52
N ASP A 12 8.94 20.64 28.14
CA ASP A 12 9.98 21.39 27.41
C ASP A 12 11.24 20.62 27.10
N ASP A 13 11.43 19.39 27.52
CA ASP A 13 12.56 18.56 27.06
C ASP A 13 12.13 17.67 25.88
N LEU A 14 11.04 18.05 25.18
CA LEU A 14 10.64 17.32 23.99
C LEU A 14 10.43 18.28 22.81
N GLN A 15 10.92 17.90 21.62
CA GLN A 15 10.62 18.62 20.42
C GLN A 15 9.80 17.70 19.56
N PHE A 16 8.61 18.17 19.26
CA PHE A 16 7.61 17.39 18.55
C PHE A 16 7.77 17.59 17.05
N PHE A 17 7.73 16.50 16.33
CA PHE A 17 7.62 16.54 14.88
C PHE A 17 6.24 16.09 14.56
N GLU A 18 6.05 15.22 13.58
CA GLU A 18 4.70 14.97 13.03
C GLU A 18 3.84 14.16 13.94
N ASN A 19 2.56 14.37 13.79
CA ASN A 19 1.53 13.45 14.21
C ASN A 19 1.57 12.22 13.34
N CYS A 20 1.83 11.07 13.90
CA CYS A 20 2.13 9.87 13.16
C CYS A 20 0.93 9.45 12.34
N GLY A 21 1.20 9.16 11.08
CA GLY A 21 0.13 8.63 10.24
C GLY A 21 -0.92 9.65 9.90
N GLY A 22 -0.56 10.94 9.79
CA GLY A 22 -1.54 12.01 9.58
C GLY A 22 -2.76 11.94 10.54
N GLY A 23 -2.68 11.38 11.77
CA GLY A 23 -3.91 11.45 12.58
C GLY A 23 -4.67 10.21 12.64
N SER A 24 -4.31 9.22 11.88
CA SER A 24 -5.16 8.02 11.89
C SER A 24 -4.81 7.11 13.09
N PHE A 25 -3.68 7.28 13.76
CA PHE A 25 -3.34 6.50 14.98
C PHE A 25 -3.57 7.38 16.25
N GLY A 26 -4.32 8.49 16.19
CA GLY A 26 -4.71 9.25 17.37
C GLY A 26 -3.68 10.32 17.64
N SER A 27 -3.48 10.63 18.93
CA SER A 27 -2.71 11.82 19.34
C SER A 27 -1.30 11.39 19.71
N VAL A 28 -0.68 10.67 18.80
CA VAL A 28 0.68 10.15 18.83
C VAL A 28 1.59 10.87 17.90
N TYR A 29 2.80 11.20 18.37
CA TYR A 29 3.72 12.04 17.72
C TYR A 29 5.07 11.44 17.69
N ARG A 30 5.89 11.77 16.68
CA ARG A 30 7.28 11.42 16.74
C ARG A 30 7.98 12.63 17.32
N ALA A 31 9.01 12.44 18.14
CA ALA A 31 9.58 13.61 18.77
C ALA A 31 10.98 13.31 19.13
N LYS A 32 11.69 14.30 19.58
CA LYS A 32 12.98 14.05 20.15
C LYS A 32 13.03 14.39 21.65
N TRP A 33 13.60 13.51 22.46
CA TRP A 33 13.79 13.80 23.83
C TRP A 33 15.13 14.49 23.90
N ILE A 34 15.10 15.77 24.23
CA ILE A 34 16.16 16.67 23.87
C ILE A 34 17.37 16.39 24.76
N SER A 35 17.20 16.46 26.07
CA SER A 35 18.25 16.08 26.99
C SER A 35 18.87 14.69 26.78
N GLN A 36 18.24 13.72 26.12
CA GLN A 36 18.89 12.43 25.87
C GLN A 36 19.28 12.28 24.47
N ASP A 37 19.02 13.28 23.65
CA ASP A 37 19.25 13.19 22.24
C ASP A 37 18.78 11.87 21.59
N LYS A 38 17.51 11.57 21.77
CA LYS A 38 16.94 10.32 21.45
C LYS A 38 15.61 10.59 20.81
N GLU A 39 15.32 9.85 19.77
CA GLU A 39 14.05 9.86 19.12
C GLU A 39 13.10 9.03 19.93
N VAL A 40 11.85 9.48 20.02
CA VAL A 40 10.82 8.83 20.82
C VAL A 40 9.46 9.01 20.22
N ALA A 41 8.52 8.21 20.72
CA ALA A 41 7.11 8.48 20.45
C ALA A 41 6.45 9.07 21.71
N VAL A 42 5.50 9.99 21.56
CA VAL A 42 4.71 10.47 22.58
C VAL A 42 3.29 10.39 22.16
N LYS A 43 2.54 9.81 23.05
CA LYS A 43 1.11 9.93 23.12
C LYS A 43 0.58 10.94 24.09
N LYS A 44 -0.12 11.92 23.53
CA LYS A 44 -0.56 13.07 24.26
C LYS A 44 -1.85 12.57 24.95
N LEU A 45 -2.09 12.94 26.23
CA LEU A 45 -3.29 12.51 26.92
C LEU A 45 -3.89 13.67 27.59
N LEU A 46 -5.19 13.62 27.92
CA LEU A 46 -5.72 14.76 28.70
C LEU A 46 -5.65 14.50 30.19
N LYS A 47 -5.34 13.28 30.60
CA LYS A 47 -5.24 12.90 32.08
C LYS A 47 -4.48 11.61 32.12
N ILE A 48 -3.98 11.30 33.25
CA ILE A 48 -3.24 10.06 33.39
C ILE A 48 -3.71 9.45 34.72
N GLU A 49 -3.99 8.22 34.79
CA GLU A 49 -4.59 7.64 36.06
C GLU A 49 -3.37 7.00 36.76
N LYS A 50 -3.37 5.68 36.94
CA LYS A 50 -2.23 4.87 37.52
C LYS A 50 -1.53 3.94 36.53
N GLU A 51 -1.73 4.17 35.24
CA GLU A 51 -1.02 3.52 34.14
C GLU A 51 0.47 3.49 34.38
N ALA A 52 1.08 4.61 34.64
CA ALA A 52 2.58 4.67 34.72
C ALA A 52 3.17 3.58 35.64
N GLU A 53 2.35 3.22 36.66
CA GLU A 53 2.81 2.38 37.62
C GLU A 53 2.86 1.04 36.96
N ILE A 54 1.87 0.62 36.22
CA ILE A 54 2.02 -0.69 35.61
C ILE A 54 3.16 -0.66 34.48
N LEU A 55 3.19 0.41 33.66
CA LEU A 55 4.10 0.48 32.47
C LEU A 55 5.56 0.33 32.89
N SER A 56 5.91 0.82 34.08
CA SER A 56 7.25 0.66 34.61
C SER A 56 7.69 -0.74 34.78
N VAL A 57 6.77 -1.70 34.93
CA VAL A 57 7.13 -3.09 35.25
C VAL A 57 6.87 -4.01 34.09
N LEU A 58 6.73 -3.42 32.89
CA LEU A 58 6.54 -4.26 31.70
C LEU A 58 7.65 -4.02 30.67
N SER A 59 8.39 -5.04 30.43
CA SER A 59 9.55 -4.89 29.55
C SER A 59 9.91 -6.21 28.91
N HIS A 60 9.88 -6.25 27.59
CA HIS A 60 10.13 -7.47 26.75
C HIS A 60 10.44 -7.05 25.25
N ARG A 61 11.26 -7.87 24.60
CA ARG A 61 11.76 -7.53 23.24
C ARG A 61 10.65 -7.37 22.16
N ASN A 62 9.43 -7.78 22.45
CA ASN A 62 8.26 -7.69 21.57
C ASN A 62 7.20 -6.80 22.10
N ILE A 63 7.56 -5.90 23.04
CA ILE A 63 6.61 -4.88 23.41
C ILE A 63 7.41 -3.57 23.39
N ILE A 64 6.73 -2.54 22.95
CA ILE A 64 7.37 -1.26 22.86
C ILE A 64 7.92 -0.87 24.24
N GLN A 65 9.08 -0.20 24.28
CA GLN A 65 9.67 0.17 25.52
C GLN A 65 9.19 1.48 26.11
N PHE A 66 8.66 1.40 27.33
CA PHE A 66 8.20 2.59 28.17
C PHE A 66 9.32 3.38 28.54
N TYR A 67 9.34 4.70 28.31
CA TYR A 67 10.42 5.53 28.87
C TYR A 67 9.98 6.46 29.91
N GLY A 68 8.77 6.96 29.93
CA GLY A 68 8.46 7.92 30.97
C GLY A 68 7.12 8.54 30.76
N VAL A 69 6.77 9.50 31.64
CA VAL A 69 5.53 10.16 31.60
C VAL A 69 5.74 11.63 31.70
N ILE A 70 4.86 12.40 30.98
CA ILE A 70 4.76 13.86 31.03
C ILE A 70 3.68 14.06 32.04
N LEU A 71 3.95 14.85 33.08
CA LEU A 71 2.97 15.05 34.09
C LEU A 71 3.00 16.47 34.54
N GLU A 72 2.43 17.40 33.79
CA GLU A 72 2.66 18.83 34.10
C GLU A 72 1.38 19.43 33.73
N PRO A 73 0.37 19.26 34.55
CA PRO A 73 -0.99 19.59 34.12
C PRO A 73 -1.06 21.00 33.59
N PRO A 74 -1.74 21.24 32.49
CA PRO A 74 -2.63 20.36 31.82
C PRO A 74 -2.09 19.42 30.83
N ASN A 75 -0.77 19.29 30.72
CA ASN A 75 -0.13 18.43 29.82
C ASN A 75 0.27 17.07 30.36
N TYR A 76 -0.10 16.05 29.65
CA TYR A 76 0.07 14.73 30.05
C TYR A 76 0.44 13.93 28.84
N GLY A 77 1.21 12.84 29.03
CA GLY A 77 1.46 11.95 27.95
C GLY A 77 2.36 10.78 28.29
N ILE A 78 2.47 9.79 27.43
CA ILE A 78 3.32 8.64 27.69
C ILE A 78 4.37 8.65 26.59
N VAL A 79 5.64 8.51 26.97
CA VAL A 79 6.79 8.60 26.08
C VAL A 79 7.36 7.20 26.03
N THR A 80 7.61 6.73 24.81
CA THR A 80 8.18 5.41 24.58
C THR A 80 9.23 5.35 23.49
N GLU A 81 9.78 4.19 23.31
CA GLU A 81 10.52 3.86 22.05
C GLU A 81 9.71 4.24 20.77
N TYR A 82 10.39 4.81 19.77
CA TYR A 82 9.80 5.06 18.42
C TYR A 82 10.27 3.94 17.49
N ALA A 83 9.35 3.19 16.93
CA ALA A 83 9.71 2.11 16.06
C ALA A 83 9.81 2.69 14.56
N SER A 84 11.03 2.83 14.09
CA SER A 84 11.31 3.56 12.86
C SER A 84 10.61 3.07 11.58
N LEU A 85 10.19 1.82 11.50
CA LEU A 85 9.52 1.24 10.27
C LEU A 85 8.04 1.27 10.38
N GLY A 86 7.52 1.86 11.44
CA GLY A 86 6.09 2.21 11.43
C GLY A 86 5.19 1.05 11.78
N SER A 87 3.93 1.22 11.47
CA SER A 87 2.84 0.30 11.76
C SER A 87 2.89 -0.90 10.93
N LEU A 88 2.50 -2.01 11.56
CA LEU A 88 2.29 -3.24 10.84
C LEU A 88 1.17 -3.14 9.76
N TYR A 89 0.02 -2.56 10.16
CA TYR A 89 -1.08 -2.36 9.28
C TYR A 89 -0.52 -1.74 7.98
N ASP A 90 0.23 -0.65 8.10
CA ASP A 90 0.69 0.11 6.90
C ASP A 90 1.64 -0.67 6.03
N TYR A 91 2.49 -1.47 6.64
CA TYR A 91 3.39 -2.25 5.92
C TYR A 91 2.68 -3.31 5.12
N ILE A 92 1.76 -3.96 5.77
CA ILE A 92 1.04 -5.06 5.16
C ILE A 92 0.23 -4.62 3.95
N ASN A 93 -0.44 -3.49 4.08
CA ASN A 93 -1.25 -2.99 3.08
C ASN A 93 -0.42 -2.08 2.22
N SER A 94 0.86 -2.29 2.01
CA SER A 94 1.61 -1.55 1.07
C SER A 94 2.20 -2.58 0.09
N ASN A 95 2.81 -2.17 -1.01
CA ASN A 95 3.40 -3.27 -1.87
C ASN A 95 4.72 -3.67 -1.42
N ARG A 96 5.38 -2.91 -0.60
CA ARG A 96 6.57 -3.46 0.00
C ARG A 96 6.36 -4.80 0.73
N SER A 97 5.16 -5.11 1.22
CA SER A 97 4.99 -6.41 1.91
C SER A 97 5.00 -7.67 0.98
N GLU A 98 5.09 -7.43 -0.31
CA GLU A 98 5.24 -8.53 -1.29
C GLU A 98 6.49 -9.36 -1.09
N GLU A 99 7.53 -8.77 -0.49
CA GLU A 99 8.71 -9.50 -0.02
C GLU A 99 8.41 -10.55 1.07
N MET A 100 7.23 -10.57 1.66
CA MET A 100 7.02 -11.46 2.80
C MET A 100 6.93 -12.89 2.31
N ASP A 101 7.77 -13.77 2.82
CA ASP A 101 7.65 -15.21 2.53
C ASP A 101 7.29 -15.90 3.81
N MET A 102 7.27 -17.22 3.75
CA MET A 102 7.13 -18.11 4.90
C MET A 102 7.92 -17.72 6.16
N ASP A 103 9.26 -17.66 6.05
CA ASP A 103 10.10 -17.39 7.23
C ASP A 103 9.71 -16.09 7.87
N HIS A 104 9.49 -15.05 7.07
CA HIS A 104 9.19 -13.75 7.57
C HIS A 104 7.86 -13.87 8.32
N ILE A 105 6.89 -14.61 7.83
CA ILE A 105 5.59 -14.63 8.44
C ILE A 105 5.73 -15.44 9.69
N MET A 106 6.55 -16.49 9.64
CA MET A 106 6.85 -17.25 10.83
C MET A 106 7.48 -16.42 11.95
N THR A 107 8.55 -15.70 11.64
CA THR A 107 9.18 -14.84 12.63
C THR A 107 8.24 -13.79 13.30
N TRP A 108 7.45 -13.12 12.48
CA TRP A 108 6.54 -12.09 12.92
C TRP A 108 5.41 -12.69 13.72
N ALA A 109 4.86 -13.80 13.26
CA ALA A 109 3.76 -14.40 14.05
C ALA A 109 4.23 -14.90 15.45
N THR A 110 5.50 -15.31 15.48
CA THR A 110 6.20 -15.63 16.70
C THR A 110 6.48 -14.42 17.61
N ASP A 111 7.03 -13.34 17.07
CA ASP A 111 7.25 -12.13 17.80
C ASP A 111 5.93 -11.75 18.52
N VAL A 112 4.83 -11.72 17.82
CA VAL A 112 3.56 -11.26 18.41
C VAL A 112 3.11 -12.26 19.51
N ALA A 113 3.19 -13.54 19.22
CA ALA A 113 2.80 -14.48 20.23
C ALA A 113 3.66 -14.48 21.55
N LYS A 114 4.95 -14.29 21.44
CA LYS A 114 5.73 -14.18 22.54
C LYS A 114 5.52 -12.92 23.39
N GLY A 115 5.33 -11.79 22.76
CA GLY A 115 4.92 -10.57 23.46
C GLY A 115 3.65 -10.72 24.26
N MET A 116 2.65 -11.30 23.63
CA MET A 116 1.42 -11.57 24.31
C MET A 116 1.55 -12.58 25.43
N HIS A 117 2.36 -13.59 25.23
CA HIS A 117 2.52 -14.62 26.26
C HIS A 117 3.17 -13.95 27.47
N TYR A 118 4.06 -13.05 27.19
CA TYR A 118 4.69 -12.26 28.23
C TYR A 118 3.72 -11.48 29.03
N LEU A 119 2.92 -10.72 28.33
CA LEU A 119 1.95 -9.94 29.03
C LEU A 119 0.91 -10.79 29.80
N HIS A 120 0.49 -11.93 29.25
CA HIS A 120 -0.43 -12.80 29.92
C HIS A 120 0.15 -13.51 31.16
N MET A 121 1.36 -14.08 31.09
CA MET A 121 1.86 -15.04 31.99
C MET A 121 3.18 -14.77 32.64
N GLU A 122 4.07 -13.97 32.06
CA GLU A 122 5.46 -13.87 32.57
C GLU A 122 5.74 -12.50 33.21
N ALA A 123 4.98 -11.43 32.84
CA ALA A 123 5.26 -10.14 33.37
C ALA A 123 4.89 -10.14 34.89
N PRO A 124 5.41 -9.21 35.66
CA PRO A 124 5.15 -9.31 37.11
C PRO A 124 3.67 -8.97 37.38
N VAL A 125 2.95 -8.46 36.43
CA VAL A 125 1.53 -8.24 36.54
C VAL A 125 0.85 -8.63 35.18
N LYS A 126 -0.35 -9.12 35.24
CA LYS A 126 -1.02 -9.84 34.17
C LYS A 126 -1.71 -8.80 33.34
N VAL A 127 -1.48 -8.78 32.07
CA VAL A 127 -2.10 -7.74 31.23
C VAL A 127 -2.80 -8.49 30.12
N ILE A 128 -4.07 -8.15 29.91
CA ILE A 128 -4.90 -8.75 28.84
C ILE A 128 -5.12 -7.52 27.97
N HIS A 129 -4.65 -7.63 26.74
CA HIS A 129 -4.61 -6.46 25.88
C HIS A 129 -6.03 -5.93 25.59
N ARG A 130 -6.85 -6.81 24.95
CA ARG A 130 -8.26 -6.54 24.69
C ARG A 130 -8.53 -5.69 23.48
N ASP A 131 -7.51 -5.03 22.96
CA ASP A 131 -7.64 -4.36 21.70
C ASP A 131 -6.45 -4.61 20.74
N LEU A 132 -5.90 -5.81 20.70
CA LEU A 132 -4.78 -6.13 19.85
C LEU A 132 -5.25 -6.14 18.37
N LYS A 133 -4.46 -5.61 17.47
CA LYS A 133 -4.80 -5.46 16.04
C LYS A 133 -3.55 -4.99 15.37
N SER A 134 -3.51 -5.06 14.06
CA SER A 134 -2.29 -4.71 13.33
C SER A 134 -1.99 -3.25 13.40
N ARG A 135 -2.99 -2.43 13.70
CA ARG A 135 -2.74 -0.99 13.99
C ARG A 135 -2.13 -0.76 15.44
N ASN A 136 -1.94 -1.81 16.26
CA ASN A 136 -1.25 -1.72 17.58
C ASN A 136 0.09 -2.42 17.59
N VAL A 137 0.55 -2.85 16.44
CA VAL A 137 1.83 -3.53 16.39
C VAL A 137 2.69 -2.66 15.51
N VAL A 138 3.92 -2.40 15.90
CA VAL A 138 4.80 -1.53 15.12
C VAL A 138 6.04 -2.28 14.85
N ILE A 139 6.93 -1.75 13.99
CA ILE A 139 8.11 -2.42 13.51
C ILE A 139 9.31 -1.61 13.83
N ALA A 140 10.29 -2.19 14.54
CA ALA A 140 11.45 -1.44 14.91
C ALA A 140 12.41 -1.54 13.80
N ALA A 141 13.42 -0.69 13.87
CA ALA A 141 14.46 -0.56 12.80
C ALA A 141 15.05 -1.86 12.52
N ASP A 142 15.25 -2.73 13.54
CA ASP A 142 15.84 -4.08 13.29
C ASP A 142 14.85 -5.04 12.71
N GLY A 143 13.60 -4.70 12.45
CA GLY A 143 12.68 -5.69 11.97
C GLY A 143 11.90 -6.34 13.03
N VAL A 144 12.09 -6.08 14.34
CA VAL A 144 11.31 -6.79 15.33
C VAL A 144 9.99 -6.18 15.58
N LEU A 145 8.94 -6.99 15.65
CA LEU A 145 7.69 -6.42 16.03
C LEU A 145 7.52 -6.09 17.49
N LYS A 146 6.76 -5.05 17.76
CA LYS A 146 6.60 -4.53 19.06
C LYS A 146 5.13 -4.28 19.24
N ILE A 147 4.52 -4.89 20.25
CA ILE A 147 3.12 -4.61 20.57
C ILE A 147 3.08 -3.29 21.30
N CYS A 148 1.98 -2.58 21.18
CA CYS A 148 1.74 -1.44 21.97
C CYS A 148 0.32 -1.15 22.29
N ASP A 149 0.03 -0.09 23.03
CA ASP A 149 -1.32 0.29 23.33
C ASP A 149 -2.00 -0.62 24.35
N PHE A 150 -1.22 -1.34 25.04
CA PHE A 150 -1.73 -2.29 26.03
C PHE A 150 -2.14 -1.55 27.32
N GLY A 151 -1.75 -0.30 27.51
CA GLY A 151 -2.21 0.55 28.61
C GLY A 151 -3.21 1.63 28.22
N ALA A 152 -3.74 1.62 26.96
CA ALA A 152 -4.84 2.55 26.58
C ALA A 152 -6.14 2.35 27.42
N SER A 153 -6.49 1.09 27.79
CA SER A 153 -7.58 0.76 28.77
C SER A 153 -7.31 1.46 30.17
N ARG A 154 -6.06 1.84 30.43
CA ARG A 154 -5.59 2.29 31.82
C ARG A 154 -5.54 1.11 32.82
N PHE A 155 -5.62 -0.10 32.26
CA PHE A 155 -5.73 -1.38 32.98
C PHE A 155 -7.03 -1.62 33.79
N HIS A 156 -8.14 -0.91 33.45
CA HIS A 156 -9.52 -1.21 33.92
C HIS A 156 -10.58 -0.67 32.95
N ASN A 157 -10.56 -1.19 31.69
CA ASN A 157 -11.65 -1.00 30.69
C ASN A 157 -12.00 0.39 30.21
N HIS A 158 -11.10 1.35 30.46
CA HIS A 158 -11.06 2.71 29.87
C HIS A 158 -11.03 3.83 31.00
N GLY A 166 -14.48 1.81 14.06
CA GLY A 166 -14.17 0.73 13.10
C GLY A 166 -12.89 -0.08 13.39
N THR A 167 -12.87 -0.81 14.51
CA THR A 167 -12.02 -1.98 14.65
C THR A 167 -12.76 -3.28 15.19
N PHE A 168 -14.01 -3.43 14.79
CA PHE A 168 -14.77 -4.66 14.99
C PHE A 168 -14.15 -5.91 14.39
N PRO A 169 -13.39 -5.77 13.24
CA PRO A 169 -12.76 -6.93 12.63
C PRO A 169 -11.80 -7.68 13.52
N TRP A 170 -11.22 -7.00 14.48
CA TRP A 170 -10.27 -7.71 15.35
C TRP A 170 -10.86 -8.18 16.67
N MET A 171 -12.13 -7.89 16.95
CA MET A 171 -12.70 -8.19 18.28
C MET A 171 -13.38 -9.51 18.32
N ALA A 172 -13.06 -10.27 19.35
CA ALA A 172 -13.76 -11.51 19.62
C ALA A 172 -15.22 -11.14 19.89
N PRO A 173 -16.11 -12.12 19.64
CA PRO A 173 -17.54 -11.89 19.84
C PRO A 173 -17.88 -11.50 21.27
N GLU A 174 -17.32 -12.18 22.26
CA GLU A 174 -17.56 -11.77 23.69
C GLU A 174 -17.15 -10.34 24.01
N VAL A 175 -16.10 -9.88 23.35
CA VAL A 175 -15.73 -8.52 23.49
C VAL A 175 -16.84 -7.75 22.79
N ILE A 176 -17.26 -8.12 21.58
CA ILE A 176 -18.29 -7.31 20.87
C ILE A 176 -19.57 -7.14 21.66
N GLN A 177 -19.91 -8.15 22.42
CA GLN A 177 -21.10 -8.00 23.16
C GLN A 177 -20.95 -7.76 24.63
N SER A 178 -19.81 -7.19 25.02
CA SER A 178 -19.55 -6.83 26.43
C SER A 178 -19.79 -7.96 27.45
N LEU A 179 -19.23 -9.13 27.17
CA LEU A 179 -19.31 -10.26 28.10
C LEU A 179 -18.02 -10.42 28.86
N PRO A 180 -17.94 -11.40 29.80
CA PRO A 180 -16.67 -11.62 30.51
C PRO A 180 -15.62 -12.00 29.52
N VAL A 181 -14.44 -11.40 29.69
CA VAL A 181 -13.32 -11.56 28.76
C VAL A 181 -12.22 -12.29 29.52
N SER A 182 -11.68 -13.39 29.01
CA SER A 182 -10.42 -13.97 29.40
C SER A 182 -9.27 -13.57 28.43
N GLU A 183 -8.09 -14.09 28.76
CA GLU A 183 -6.92 -14.11 27.89
C GLU A 183 -7.26 -14.44 26.37
N THR A 184 -8.17 -15.40 26.19
CA THR A 184 -8.47 -15.82 24.83
C THR A 184 -9.12 -14.69 23.94
N CYS A 185 -9.64 -13.59 24.46
CA CYS A 185 -10.06 -12.55 23.55
C CYS A 185 -8.88 -12.11 22.70
N ASP A 186 -7.68 -12.14 23.30
CA ASP A 186 -6.48 -11.74 22.62
C ASP A 186 -6.06 -12.80 21.64
N THR A 187 -6.36 -14.06 21.90
CA THR A 187 -6.12 -15.10 20.90
C THR A 187 -6.89 -14.92 19.58
N TYR A 188 -8.17 -14.62 19.67
CA TYR A 188 -8.98 -14.24 18.52
C TYR A 188 -8.39 -13.10 17.74
N SER A 189 -7.95 -12.03 18.38
CA SER A 189 -7.45 -10.87 17.71
C SER A 189 -6.15 -11.18 17.00
N TYR A 190 -5.32 -11.97 17.70
CA TYR A 190 -4.11 -12.48 17.09
C TYR A 190 -4.35 -13.29 15.80
N GLY A 191 -5.39 -14.09 15.77
CA GLY A 191 -5.89 -14.73 14.55
C GLY A 191 -6.08 -13.79 13.32
N VAL A 192 -6.74 -12.70 13.61
CA VAL A 192 -7.00 -11.72 12.60
C VAL A 192 -5.68 -11.19 12.09
N VAL A 193 -4.80 -10.88 13.01
CA VAL A 193 -3.45 -10.42 12.63
C VAL A 193 -2.68 -11.40 11.75
N LEU A 194 -2.70 -12.63 12.08
CA LEU A 194 -2.09 -13.60 11.26
C LEU A 194 -2.73 -13.68 9.82
N TRP A 195 -4.05 -13.75 9.79
CA TRP A 195 -4.78 -13.73 8.55
C TRP A 195 -4.38 -12.50 7.69
N GLU A 196 -4.16 -11.35 8.33
CA GLU A 196 -3.63 -10.17 7.62
C GLU A 196 -2.29 -10.41 6.99
N MET A 197 -1.38 -11.01 7.74
CA MET A 197 -0.04 -11.27 7.23
C MET A 197 -0.04 -12.28 6.07
N LEU A 198 -1.02 -13.15 6.01
CA LEU A 198 -1.07 -14.14 4.97
C LEU A 198 -1.73 -13.57 3.72
N THR A 199 -2.78 -12.77 3.90
CA THR A 199 -3.57 -12.40 2.74
C THR A 199 -3.12 -11.05 2.25
N ARG A 200 -2.50 -10.27 3.14
CA ARG A 200 -2.20 -8.91 2.90
C ARG A 200 -3.36 -8.09 2.39
N GLU A 201 -4.49 -8.28 3.03
CA GLU A 201 -5.72 -7.54 2.84
C GLU A 201 -6.12 -6.96 4.24
N VAL A 202 -6.81 -5.86 4.21
CA VAL A 202 -7.63 -5.36 5.24
C VAL A 202 -8.87 -6.23 5.53
N PRO A 203 -9.07 -6.74 6.78
CA PRO A 203 -10.17 -7.66 7.11
C PRO A 203 -11.52 -6.94 7.04
N PHE A 204 -12.47 -7.57 6.30
CA PHE A 204 -13.84 -6.99 6.06
C PHE A 204 -13.72 -5.54 5.47
N LYS A 205 -12.76 -5.36 4.57
CA LYS A 205 -12.53 -4.09 3.90
C LYS A 205 -13.88 -3.55 3.37
N GLY A 206 -14.13 -2.29 3.62
CA GLY A 206 -15.36 -1.67 3.19
C GLY A 206 -16.63 -2.00 3.95
N LEU A 207 -16.70 -3.03 4.79
CA LEU A 207 -17.97 -3.28 5.53
C LEU A 207 -18.17 -2.24 6.61
N GLU A 208 -19.42 -2.15 7.05
CA GLU A 208 -19.75 -1.31 8.17
C GLU A 208 -19.39 -2.02 9.46
N GLY A 209 -19.10 -1.20 10.47
CA GLY A 209 -18.80 -1.70 11.84
C GLY A 209 -19.91 -2.58 12.34
N LEU A 210 -21.12 -2.01 12.29
CA LEU A 210 -22.30 -2.64 12.81
C LEU A 210 -22.63 -3.90 12.08
N GLN A 211 -22.44 -3.90 10.77
CA GLN A 211 -22.60 -5.13 10.01
C GLN A 211 -21.55 -6.17 10.43
N VAL A 212 -20.31 -5.74 10.64
CA VAL A 212 -19.32 -6.73 11.09
C VAL A 212 -19.78 -7.39 12.42
N ALA A 213 -20.11 -6.52 13.35
CA ALA A 213 -20.55 -6.93 14.69
C ALA A 213 -21.66 -7.93 14.60
N TRP A 214 -22.71 -7.52 13.89
CA TRP A 214 -23.84 -8.43 13.71
C TRP A 214 -23.40 -9.80 13.14
N LEU A 215 -22.66 -9.76 12.03
CA LEU A 215 -22.28 -10.95 11.30
C LEU A 215 -21.44 -11.92 12.12
N VAL A 216 -20.48 -11.33 12.83
CA VAL A 216 -19.52 -12.10 13.63
C VAL A 216 -20.19 -12.80 14.82
N VAL A 217 -21.06 -12.04 15.48
CA VAL A 217 -21.67 -12.46 16.72
C VAL A 217 -22.84 -13.44 16.43
N GLU A 218 -23.78 -13.00 15.60
CA GLU A 218 -24.98 -13.80 15.37
C GLU A 218 -24.88 -14.75 14.22
N LYS A 219 -24.04 -14.48 13.24
CA LYS A 219 -23.95 -15.46 12.19
C LYS A 219 -22.69 -16.36 12.29
N ASN A 220 -21.80 -16.14 13.26
CA ASN A 220 -20.46 -16.79 13.24
C ASN A 220 -19.71 -16.63 11.97
N GLU A 221 -19.84 -15.45 11.38
CA GLU A 221 -19.09 -15.09 10.19
C GLU A 221 -17.62 -14.91 10.68
N ARG A 222 -16.67 -15.36 9.84
CA ARG A 222 -15.23 -15.29 10.09
C ARG A 222 -14.64 -14.88 8.80
N LEU A 223 -13.42 -14.36 8.85
CA LEU A 223 -12.72 -13.90 7.61
C LEU A 223 -12.55 -15.07 6.61
N THR A 224 -12.65 -14.74 5.33
CA THR A 224 -12.46 -15.74 4.29
C THR A 224 -11.02 -16.20 4.27
N ILE A 225 -10.78 -17.45 4.65
CA ILE A 225 -9.52 -18.16 4.47
C ILE A 225 -9.47 -18.76 3.05
N PRO A 226 -8.51 -18.33 2.23
CA PRO A 226 -8.34 -18.95 0.93
C PRO A 226 -8.17 -20.50 0.89
N SER A 227 -8.71 -21.12 -0.16
CA SER A 227 -8.66 -22.57 -0.32
C SER A 227 -7.22 -23.04 -0.58
N SER A 228 -6.39 -22.21 -1.22
CA SER A 228 -4.95 -22.50 -1.35
C SER A 228 -4.22 -22.32 -0.04
N CYS A 229 -4.76 -21.57 0.90
CA CYS A 229 -4.01 -21.35 2.16
C CYS A 229 -3.60 -22.72 2.76
N PRO A 230 -2.32 -22.95 3.05
CA PRO A 230 -1.97 -24.25 3.66
C PRO A 230 -2.74 -24.62 4.93
N ARG A 231 -2.94 -25.92 5.17
CA ARG A 231 -3.88 -26.41 6.19
C ARG A 231 -3.50 -26.01 7.57
N SER A 232 -2.19 -25.97 7.80
CA SER A 232 -1.69 -25.79 9.12
C SER A 232 -2.09 -24.46 9.65
N PHE A 233 -1.96 -23.50 8.76
CA PHE A 233 -2.24 -22.13 9.10
C PHE A 233 -3.74 -21.92 9.22
N ALA A 234 -4.47 -22.52 8.28
CA ALA A 234 -5.91 -22.32 8.20
C ALA A 234 -6.56 -22.88 9.47
N GLU A 235 -6.00 -23.97 10.01
CA GLU A 235 -6.54 -24.60 11.21
C GLU A 235 -6.20 -23.74 12.41
N LEU A 236 -5.03 -23.17 12.40
CA LEU A 236 -4.68 -22.30 13.45
C LEU A 236 -5.71 -21.14 13.50
N LEU A 237 -5.98 -20.56 12.35
CA LEU A 237 -6.96 -19.51 12.28
C LEU A 237 -8.32 -19.88 12.79
N HIS A 238 -8.78 -21.09 12.44
CA HIS A 238 -10.08 -21.61 12.93
C HIS A 238 -10.08 -21.78 14.43
N GLN A 239 -8.98 -22.36 14.94
CA GLN A 239 -8.77 -22.46 16.37
C GLN A 239 -8.77 -21.09 17.12
N CYS A 240 -8.10 -20.10 16.56
CA CYS A 240 -8.08 -18.82 17.26
C CYS A 240 -9.46 -18.15 17.19
N TRP A 241 -10.29 -18.55 16.21
CA TRP A 241 -11.55 -17.89 15.94
C TRP A 241 -12.80 -18.55 16.49
N GLU A 242 -12.65 -19.65 17.23
CA GLU A 242 -13.80 -20.38 17.85
C GLU A 242 -14.71 -19.46 18.58
N ALA A 243 -16.02 -19.53 18.34
CA ALA A 243 -16.98 -18.69 19.14
C ALA A 243 -16.99 -19.04 20.63
N ASP A 244 -16.68 -20.31 20.97
CA ASP A 244 -16.48 -20.72 22.37
C ASP A 244 -15.03 -20.36 22.67
N ALA A 245 -14.88 -19.31 23.45
CA ALA A 245 -13.60 -18.75 23.83
C ALA A 245 -12.69 -19.74 24.53
N LYS A 246 -13.28 -20.65 25.30
CA LYS A 246 -12.49 -21.56 26.11
C LYS A 246 -11.84 -22.51 25.18
N LYS A 247 -12.35 -22.67 23.97
CA LYS A 247 -11.71 -23.59 23.05
C LYS A 247 -10.45 -23.09 22.39
N ARG A 248 -10.27 -21.77 22.39
CA ARG A 248 -9.15 -21.11 21.69
C ARG A 248 -7.87 -21.42 22.39
N PRO A 249 -6.76 -21.54 21.68
CA PRO A 249 -5.54 -21.82 22.42
C PRO A 249 -5.00 -20.59 23.12
N SER A 250 -4.08 -20.86 24.03
CA SER A 250 -3.36 -19.85 24.83
C SER A 250 -2.22 -19.46 23.93
N PHE A 251 -1.51 -18.42 24.34
CA PHE A 251 -0.31 -18.03 23.60
C PHE A 251 0.82 -19.01 23.70
N LYS A 252 0.95 -19.71 24.81
CA LYS A 252 2.04 -20.75 24.87
C LYS A 252 1.80 -21.92 23.89
N GLN A 253 0.53 -22.26 23.77
CA GLN A 253 0.14 -23.27 22.75
C GLN A 253 0.20 -22.77 21.34
N ILE A 254 -0.03 -21.48 21.13
CA ILE A 254 0.16 -20.99 19.82
C ILE A 254 1.62 -21.14 19.51
N ILE A 255 2.48 -20.81 20.49
CA ILE A 255 3.94 -20.80 20.25
C ILE A 255 4.43 -22.20 19.95
N SER A 256 3.84 -23.16 20.62
CA SER A 256 4.17 -24.55 20.43
C SER A 256 3.72 -25.05 19.01
N ILE A 257 2.51 -24.68 18.61
CA ILE A 257 2.03 -24.93 17.25
C ILE A 257 2.94 -24.26 16.22
N LEU A 258 3.36 -23.01 16.42
CA LEU A 258 4.26 -22.35 15.47
C LEU A 258 5.56 -23.05 15.32
N GLU A 259 6.02 -23.61 16.42
CA GLU A 259 7.25 -24.35 16.38
C GLU A 259 7.17 -25.64 15.58
N SER A 260 6.11 -26.42 15.72
CA SER A 260 6.08 -27.63 14.92
C SER A 260 5.86 -27.21 13.45
N MET A 261 5.21 -26.05 13.20
CA MET A 261 5.10 -25.59 11.83
C MET A 261 6.49 -25.32 11.19
N SER A 262 7.39 -24.76 12.00
CA SER A 262 8.75 -24.44 11.58
C SER A 262 9.56 -25.69 11.24
N ASN A 263 9.20 -26.84 11.81
CA ASN A 263 9.89 -28.09 11.46
C ASN A 263 9.27 -28.93 10.38
N ASP A 264 8.04 -28.64 9.99
CA ASP A 264 7.46 -29.26 8.82
C ASP A 264 8.18 -28.90 7.52
N THR A 265 9.01 -29.80 6.99
CA THR A 265 9.72 -29.48 5.73
C THR A 265 8.79 -29.30 4.48
N SER A 266 7.55 -29.82 4.56
CA SER A 266 6.55 -29.61 3.47
C SER A 266 5.98 -28.19 3.40
N LEU A 267 5.89 -27.54 4.54
CA LEU A 267 5.19 -26.27 4.65
C LEU A 267 5.84 -25.11 3.85
N PRO A 268 7.18 -24.98 3.87
CA PRO A 268 7.72 -23.86 3.06
C PRO A 268 7.15 -23.67 1.62
N ASP A 269 7.27 -24.73 0.82
CA ASP A 269 6.77 -24.80 -0.47
C ASP A 269 5.28 -24.49 -0.51
N LYS A 270 4.53 -25.20 0.27
CA LYS A 270 3.10 -24.96 0.36
C LYS A 270 2.81 -23.46 0.60
N CYS A 271 3.41 -22.89 1.65
CA CYS A 271 3.09 -21.50 1.96
C CYS A 271 3.53 -20.51 0.88
N ASN A 272 4.79 -20.65 0.45
CA ASN A 272 5.30 -19.75 -0.57
C ASN A 272 4.55 -19.81 -1.90
N SER A 273 4.16 -20.98 -2.41
CA SER A 273 3.36 -20.94 -3.65
C SER A 273 1.99 -20.31 -3.40
N PHE A 274 1.40 -20.57 -2.24
CA PHE A 274 0.18 -19.83 -1.88
C PHE A 274 0.42 -18.32 -1.94
N LEU A 275 1.48 -17.87 -1.31
CA LEU A 275 1.76 -16.44 -1.16
C LEU A 275 1.97 -15.82 -2.57
N HIS A 276 2.60 -16.59 -3.43
CA HIS A 276 2.97 -16.11 -4.75
C HIS A 276 1.80 -16.20 -5.72
N ASN A 277 0.82 -17.07 -5.46
CA ASN A 277 -0.44 -17.08 -6.25
C ASN A 277 -1.58 -16.20 -5.75
N LYS A 278 -1.23 -15.00 -5.21
CA LYS A 278 -2.28 -13.96 -4.87
C LYS A 278 -3.22 -13.59 -6.05
N ALA A 279 -2.76 -13.92 -7.26
CA ALA A 279 -3.42 -13.57 -8.51
C ALA A 279 -4.76 -14.25 -8.53
N GLU A 280 -4.75 -15.57 -8.41
CA GLU A 280 -5.85 -16.44 -8.17
C GLU A 280 -6.88 -16.07 -7.11
N TRP A 281 -6.45 -15.92 -5.82
CA TRP A 281 -7.45 -16.12 -4.69
C TRP A 281 -8.05 -14.84 -4.13
N ARG A 282 -7.49 -13.74 -4.57
CA ARG A 282 -7.90 -12.46 -4.17
C ARG A 282 -9.38 -12.08 -4.45
N CYS A 283 -10.05 -12.65 -5.44
CA CYS A 283 -11.53 -12.58 -5.46
C CYS A 283 -12.28 -13.70 -4.73
N GLU A 284 -11.64 -14.78 -4.25
CA GLU A 284 -12.28 -15.52 -3.17
C GLU A 284 -12.68 -14.52 -2.09
N ILE A 285 -11.72 -13.72 -1.68
CA ILE A 285 -11.98 -12.69 -0.65
C ILE A 285 -12.94 -11.62 -1.14
N GLU A 286 -12.75 -11.13 -2.38
CA GLU A 286 -13.55 -10.02 -2.93
C GLU A 286 -15.00 -10.44 -3.12
N ALA A 287 -15.22 -11.71 -3.49
CA ALA A 287 -16.56 -12.27 -3.67
C ALA A 287 -17.43 -12.18 -2.44
N THR A 288 -16.90 -12.71 -1.35
CA THR A 288 -17.54 -12.58 -0.03
C THR A 288 -17.92 -11.15 0.37
N LEU A 289 -16.97 -10.21 0.21
CA LEU A 289 -17.18 -8.79 0.50
C LEU A 289 -18.27 -8.12 -0.38
N GLU A 290 -18.29 -8.45 -1.67
CA GLU A 290 -19.32 -8.05 -2.60
C GLU A 290 -20.66 -8.59 -1.97
N ARG A 291 -20.74 -9.90 -1.70
CA ARG A 291 -21.91 -10.51 -1.05
C ARG A 291 -22.32 -9.82 0.28
N LEU A 292 -21.37 -9.45 1.09
CA LEU A 292 -21.74 -8.86 2.36
C LEU A 292 -22.17 -7.41 2.26
N LYS A 293 -21.60 -6.69 1.30
CA LYS A 293 -21.98 -5.31 1.09
C LYS A 293 -23.43 -5.27 0.57
N LYS A 294 -23.78 -6.19 -0.33
CA LYS A 294 -25.16 -6.33 -0.81
C LYS A 294 -26.18 -6.80 0.24
N LEU A 295 -25.75 -7.63 1.22
CA LEU A 295 -26.62 -8.09 2.35
C LEU A 295 -27.15 -6.93 3.13
N GLU A 296 -26.43 -5.80 3.15
CA GLU A 296 -26.93 -4.52 3.73
C GLU A 296 -27.63 -3.51 2.73
N ARG A 297 -27.17 -3.41 1.47
CA ARG A 297 -27.79 -2.51 0.43
C ARG A 297 -29.28 -2.82 0.07
N SER B 5 0.67 -6.55 -44.50
CA SER B 5 -0.22 -6.38 -43.36
C SER B 5 0.60 -6.05 -42.14
N PHE B 6 1.03 -7.10 -41.41
CA PHE B 6 1.77 -6.87 -40.12
C PHE B 6 2.59 -8.13 -39.96
N VAL B 7 3.64 -8.00 -39.18
CA VAL B 7 4.47 -9.15 -38.93
C VAL B 7 3.68 -10.21 -38.10
N GLN B 8 3.69 -11.43 -38.56
CA GLN B 8 3.09 -12.57 -37.87
C GLN B 8 4.12 -13.44 -37.26
N ILE B 9 3.98 -13.77 -35.98
CA ILE B 9 4.98 -14.63 -35.27
C ILE B 9 4.28 -15.92 -34.95
N LYS B 10 4.94 -17.02 -35.17
CA LYS B 10 4.27 -18.25 -35.04
C LYS B 10 4.29 -18.63 -33.51
N PHE B 11 3.18 -19.15 -33.02
CA PHE B 11 3.13 -19.59 -31.66
C PHE B 11 4.33 -20.48 -31.21
N ASP B 12 4.70 -21.47 -32.00
CA ASP B 12 5.85 -22.32 -31.65
C ASP B 12 7.23 -21.66 -31.90
N ASP B 13 7.29 -20.40 -32.39
CA ASP B 13 8.49 -19.63 -32.43
C ASP B 13 8.68 -18.83 -31.14
N LEU B 14 7.95 -19.18 -30.08
CA LEU B 14 8.12 -18.50 -28.81
C LEU B 14 8.27 -19.51 -27.69
N GLN B 15 9.19 -19.25 -26.80
CA GLN B 15 9.36 -19.95 -25.56
C GLN B 15 8.95 -19.02 -24.41
N PHE B 16 7.91 -19.38 -23.72
CA PHE B 16 7.36 -18.52 -22.65
C PHE B 16 8.01 -18.77 -21.34
N PHE B 17 8.26 -17.70 -20.59
CA PHE B 17 8.82 -17.82 -19.27
C PHE B 17 7.73 -17.34 -18.35
N GLU B 18 8.07 -16.54 -17.35
CA GLU B 18 7.07 -16.14 -16.43
C GLU B 18 5.99 -15.18 -16.87
N ASN B 19 4.84 -15.28 -16.19
CA ASN B 19 3.82 -14.33 -16.23
C ASN B 19 4.24 -13.07 -15.46
N CYS B 20 4.34 -11.92 -16.11
CA CYS B 20 4.92 -10.73 -15.54
C CYS B 20 4.15 -10.23 -14.32
N GLY B 21 4.85 -9.90 -13.28
CA GLY B 21 4.18 -9.39 -12.08
C GLY B 21 3.26 -10.38 -11.35
N GLY B 22 3.52 -11.67 -11.54
CA GLY B 22 2.81 -12.82 -10.98
C GLY B 22 1.35 -12.83 -11.30
N GLY B 23 0.91 -12.21 -12.38
CA GLY B 23 -0.55 -12.24 -12.65
C GLY B 23 -1.21 -10.89 -12.51
N SER B 24 -0.51 -9.94 -11.89
CA SER B 24 -1.16 -8.65 -11.63
C SER B 24 -1.22 -7.73 -12.85
N PHE B 25 -0.48 -8.02 -13.96
CA PHE B 25 -0.56 -7.28 -15.28
C PHE B 25 -1.43 -8.07 -16.32
N GLY B 26 -2.28 -8.97 -15.88
CA GLY B 26 -3.00 -9.87 -16.80
C GLY B 26 -2.13 -10.96 -17.45
N SER B 27 -2.32 -11.19 -18.75
CA SER B 27 -1.80 -12.38 -19.40
C SER B 27 -0.59 -11.90 -20.27
N VAL B 28 0.34 -11.09 -19.69
CA VAL B 28 1.59 -10.73 -20.20
C VAL B 28 2.69 -11.61 -19.73
N TYR B 29 3.51 -12.15 -20.65
CA TYR B 29 4.65 -13.02 -20.32
C TYR B 29 5.92 -12.44 -20.84
N ARG B 30 7.03 -12.75 -20.17
CA ARG B 30 8.33 -12.55 -20.74
C ARG B 30 8.60 -13.79 -21.52
N ALA B 31 9.29 -13.66 -22.66
CA ALA B 31 9.48 -14.82 -23.52
C ALA B 31 10.70 -14.62 -24.42
N LYS B 32 11.06 -15.67 -25.12
CA LYS B 32 12.08 -15.61 -26.18
C LYS B 32 11.49 -15.88 -27.50
N TRP B 33 11.78 -14.98 -28.44
CA TRP B 33 11.40 -15.17 -29.83
C TRP B 33 12.56 -16.03 -30.44
N ILE B 34 12.26 -17.30 -30.72
CA ILE B 34 13.29 -18.27 -30.93
C ILE B 34 14.04 -17.99 -32.21
N SER B 35 13.37 -17.95 -33.36
CA SER B 35 14.04 -17.69 -34.65
C SER B 35 14.74 -16.34 -34.64
N GLN B 36 14.37 -15.37 -33.84
CA GLN B 36 15.19 -14.11 -33.81
C GLN B 36 16.16 -14.10 -32.60
N ASP B 37 16.29 -15.17 -31.83
CA ASP B 37 17.07 -15.07 -30.57
C ASP B 37 16.93 -13.84 -29.72
N LYS B 38 15.72 -13.38 -29.44
CA LYS B 38 15.46 -12.10 -28.79
C LYS B 38 14.40 -12.28 -27.70
N GLU B 39 14.64 -11.57 -26.61
CA GLU B 39 13.74 -11.56 -25.49
C GLU B 39 12.57 -10.60 -25.85
N VAL B 40 11.34 -10.99 -25.57
CA VAL B 40 10.19 -10.15 -25.81
C VAL B 40 9.15 -10.28 -24.67
N ALA B 41 8.17 -9.39 -24.71
CA ALA B 41 6.96 -9.54 -23.98
C ALA B 41 5.84 -9.99 -24.92
N VAL B 42 5.01 -10.91 -24.47
CA VAL B 42 3.84 -11.32 -25.13
C VAL B 42 2.63 -11.09 -24.30
N LYS B 43 1.66 -10.35 -24.82
CA LYS B 43 0.33 -10.32 -24.26
C LYS B 43 -0.51 -11.34 -24.98
N LYS B 44 -0.95 -12.34 -24.28
CA LYS B 44 -1.74 -13.40 -24.82
C LYS B 44 -3.18 -12.90 -24.88
N LEU B 45 -3.86 -13.10 -26.04
CA LEU B 45 -5.25 -12.62 -26.25
C LEU B 45 -6.13 -13.79 -26.73
N LEU B 46 -7.42 -13.67 -26.55
CA LEU B 46 -8.35 -14.67 -27.07
C LEU B 46 -8.88 -14.37 -28.52
N LYS B 47 -8.60 -13.18 -28.99
CA LYS B 47 -8.77 -12.79 -30.47
C LYS B 47 -8.04 -11.52 -30.69
N ILE B 48 -7.93 -11.09 -31.91
CA ILE B 48 -7.27 -9.83 -32.26
C ILE B 48 -8.31 -8.92 -32.98
N GLU B 49 -8.52 -7.69 -32.52
CA GLU B 49 -9.28 -6.65 -33.29
C GLU B 49 -8.55 -6.05 -34.54
N LYS B 50 -9.32 -5.34 -35.38
CA LYS B 50 -8.76 -4.61 -36.56
C LYS B 50 -7.97 -3.42 -36.08
N GLU B 51 -8.38 -2.80 -34.97
CA GLU B 51 -7.57 -1.76 -34.32
C GLU B 51 -6.08 -2.14 -34.34
N ALA B 52 -5.76 -3.37 -34.01
CA ALA B 52 -4.40 -3.72 -33.98
C ALA B 52 -3.56 -3.44 -35.21
N GLU B 53 -4.09 -3.17 -36.40
CA GLU B 53 -3.26 -2.79 -37.57
C GLU B 53 -2.58 -1.41 -37.44
N ILE B 54 -3.08 -0.59 -36.57
CA ILE B 54 -2.45 0.63 -36.23
C ILE B 54 -1.06 0.50 -35.56
N LEU B 55 -0.79 -0.63 -34.90
CA LEU B 55 0.41 -0.77 -34.11
C LEU B 55 1.65 -0.80 -34.95
N SER B 56 1.54 -1.18 -36.23
CA SER B 56 2.67 -1.20 -37.03
C SER B 56 3.10 0.19 -37.50
N VAL B 57 2.37 1.23 -37.23
CA VAL B 57 2.71 2.62 -37.70
C VAL B 57 3.12 3.55 -36.56
N LEU B 58 3.33 2.96 -35.38
CA LEU B 58 3.69 3.75 -34.19
C LEU B 58 5.05 3.30 -33.65
N SER B 59 6.03 4.16 -33.75
CA SER B 59 7.41 3.82 -33.41
CA SER B 59 7.39 3.83 -33.36
C SER B 59 8.09 5.11 -32.90
N HIS B 60 8.60 5.08 -31.65
CA HIS B 60 9.15 6.23 -30.94
C HIS B 60 9.92 5.79 -29.68
N ARG B 61 11.02 6.50 -29.38
CA ARG B 61 11.86 6.09 -28.26
C ARG B 61 11.25 5.99 -26.86
N ASN B 62 10.06 6.54 -26.78
CA ASN B 62 9.30 6.55 -25.60
C ASN B 62 7.97 5.79 -25.63
N ILE B 63 7.80 4.85 -26.59
CA ILE B 63 6.67 3.95 -26.53
C ILE B 63 7.29 2.57 -26.78
N ILE B 64 6.68 1.59 -26.12
CA ILE B 64 7.21 0.25 -26.25
C ILE B 64 7.14 -0.14 -27.76
N GLN B 65 8.10 -0.88 -28.22
CA GLN B 65 8.19 -1.25 -29.62
C GLN B 65 7.42 -2.51 -29.98
N PHE B 66 6.43 -2.31 -30.85
CA PHE B 66 5.67 -3.41 -31.41
C PHE B 66 6.48 -4.27 -32.28
N TYR B 67 6.45 -5.61 -32.12
CA TYR B 67 7.15 -6.46 -33.02
C TYR B 67 6.23 -7.31 -33.90
N GLY B 68 5.08 -7.73 -33.43
CA GLY B 68 4.24 -8.57 -34.25
C GLY B 68 3.06 -9.12 -33.50
N VAL B 69 2.29 -9.97 -34.15
CA VAL B 69 1.10 -10.55 -33.62
C VAL B 69 1.25 -12.01 -33.88
N ILE B 70 0.69 -12.71 -32.92
CA ILE B 70 0.37 -14.10 -33.07
C ILE B 70 -1.07 -14.18 -33.61
N LEU B 71 -1.21 -14.96 -34.65
CA LEU B 71 -2.50 -15.08 -35.26
C LEU B 71 -2.75 -16.48 -35.74
N GLU B 72 -2.93 -17.47 -34.87
CA GLU B 72 -2.96 -18.90 -35.24
C GLU B 72 -4.03 -19.46 -34.36
N PRO B 73 -5.24 -19.29 -34.76
CA PRO B 73 -6.34 -19.68 -33.92
C PRO B 73 -6.16 -21.13 -33.40
N PRO B 74 -6.36 -21.40 -32.14
CA PRO B 74 -6.98 -20.54 -31.11
C PRO B 74 -6.11 -19.58 -30.38
N ASN B 75 -4.89 -19.53 -30.78
CA ASN B 75 -3.88 -18.67 -30.20
C ASN B 75 -3.63 -17.26 -30.81
N TYR B 76 -3.62 -16.22 -29.98
CA TYR B 76 -3.48 -14.92 -30.43
C TYR B 76 -2.65 -14.19 -29.40
N GLY B 77 -2.04 -13.13 -29.85
CA GLY B 77 -1.33 -12.27 -28.96
C GLY B 77 -0.57 -11.17 -29.63
N ILE B 78 -0.13 -10.24 -28.85
CA ILE B 78 0.75 -9.10 -29.32
C ILE B 78 2.11 -9.20 -28.69
N VAL B 79 3.17 -9.06 -29.49
CA VAL B 79 4.54 -9.29 -29.16
C VAL B 79 5.23 -7.92 -29.28
N THR B 80 5.93 -7.56 -28.22
CA THR B 80 6.63 -6.36 -28.17
C THR B 80 8.01 -6.52 -27.51
N GLU B 81 8.72 -5.44 -27.55
CA GLU B 81 9.92 -5.23 -26.71
C GLU B 81 9.57 -5.56 -25.20
N TYR B 82 10.49 -6.19 -24.51
CA TYR B 82 10.44 -6.39 -23.03
C TYR B 82 11.27 -5.37 -22.37
N ALA B 83 10.70 -4.57 -21.46
CA ALA B 83 11.40 -3.54 -20.73
C ALA B 83 11.87 -4.17 -19.32
N SER B 84 13.15 -4.45 -19.19
CA SER B 84 13.56 -5.38 -18.15
C SER B 84 13.48 -4.83 -16.71
N LEU B 85 13.33 -3.52 -16.53
CA LEU B 85 13.29 -2.88 -15.24
C LEU B 85 11.86 -2.70 -14.84
N GLY B 86 10.91 -3.24 -15.60
CA GLY B 86 9.58 -3.44 -15.05
C GLY B 86 8.77 -2.15 -15.07
N SER B 87 7.68 -2.10 -14.30
CA SER B 87 6.79 -0.98 -14.34
C SER B 87 7.21 0.27 -13.57
N LEU B 88 6.69 1.43 -14.02
CA LEU B 88 7.09 2.61 -13.30
C LEU B 88 6.51 2.61 -11.85
N TYR B 89 5.26 2.21 -11.74
CA TYR B 89 4.52 2.03 -10.55
C TYR B 89 5.30 1.21 -9.55
N ASP B 90 5.80 0.06 -9.98
CA ASP B 90 6.52 -0.77 -8.99
C ASP B 90 7.78 -0.04 -8.60
N TYR B 91 8.40 0.65 -9.54
CA TYR B 91 9.70 1.25 -9.21
C TYR B 91 9.49 2.39 -8.13
N ILE B 92 8.49 3.25 -8.39
CA ILE B 92 8.16 4.38 -7.52
C ILE B 92 7.84 3.88 -6.11
N ASN B 93 7.08 2.77 -6.05
CA ASN B 93 6.66 2.22 -4.77
C ASN B 93 7.61 1.14 -4.24
N SER B 94 8.92 1.28 -4.33
CA SER B 94 9.94 0.31 -3.81
C SER B 94 10.98 1.24 -3.34
N ASN B 95 11.95 0.67 -2.69
CA ASN B 95 13.15 1.41 -2.30
C ASN B 95 14.16 1.85 -3.46
N ARG B 96 14.10 1.21 -4.63
CA ARG B 96 14.94 1.60 -5.80
C ARG B 96 14.78 3.05 -6.23
N SER B 97 13.60 3.64 -5.98
CA SER B 97 13.32 5.07 -6.25
C SER B 97 13.89 6.08 -5.29
N GLU B 98 14.66 5.70 -4.28
CA GLU B 98 15.25 6.73 -3.37
C GLU B 98 16.29 7.59 -4.07
N GLU B 99 16.87 6.97 -5.07
CA GLU B 99 17.83 7.59 -5.93
C GLU B 99 17.28 8.75 -6.75
N MET B 100 15.97 8.94 -6.83
CA MET B 100 15.45 9.89 -7.79
C MET B 100 15.74 11.35 -7.41
N ASP B 101 16.64 12.05 -8.07
CA ASP B 101 16.86 13.49 -7.80
C ASP B 101 16.08 14.38 -8.81
N MET B 102 16.26 15.69 -8.83
CA MET B 102 15.47 16.50 -9.76
C MET B 102 15.69 16.12 -11.25
N ASP B 103 16.92 15.82 -11.56
CA ASP B 103 17.38 15.71 -12.91
C ASP B 103 16.88 14.33 -13.49
N HIS B 104 16.83 13.32 -12.63
CA HIS B 104 16.17 12.07 -12.96
C HIS B 104 14.67 12.28 -13.22
N ILE B 105 14.01 13.05 -12.36
CA ILE B 105 12.57 13.27 -12.47
C ILE B 105 12.32 14.12 -13.72
N MET B 106 13.23 15.04 -14.06
CA MET B 106 13.07 15.80 -15.31
C MET B 106 13.22 14.97 -16.58
N THR B 107 14.27 14.17 -16.69
CA THR B 107 14.39 13.30 -17.81
C THR B 107 13.17 12.42 -17.98
N TRP B 108 12.69 11.77 -16.90
CA TRP B 108 11.49 10.94 -16.99
C TRP B 108 10.22 11.70 -17.33
N ALA B 109 9.97 12.82 -16.69
CA ALA B 109 8.78 13.60 -17.07
C ALA B 109 8.73 14.02 -18.52
N THR B 110 9.91 14.35 -18.98
CA THR B 110 10.11 14.72 -20.38
C THR B 110 9.95 13.46 -21.35
N ASP B 111 10.58 12.31 -21.04
CA ASP B 111 10.45 11.02 -21.80
C ASP B 111 8.93 10.85 -21.98
N VAL B 112 8.14 10.99 -20.91
CA VAL B 112 6.71 10.63 -20.98
C VAL B 112 5.94 11.64 -21.77
N ALA B 113 6.34 12.91 -21.65
CA ALA B 113 5.66 13.94 -22.44
C ALA B 113 5.91 13.84 -23.93
N LYS B 114 7.11 13.46 -24.30
CA LYS B 114 7.50 13.27 -25.65
C LYS B 114 6.78 12.12 -26.30
N GLY B 115 6.71 11.01 -25.60
CA GLY B 115 5.93 9.84 -26.03
C GLY B 115 4.48 10.17 -26.33
N MET B 116 3.86 10.91 -25.44
CA MET B 116 2.46 11.32 -25.64
C MET B 116 2.25 12.34 -26.73
N HIS B 117 3.22 13.24 -26.88
CA HIS B 117 3.14 14.23 -27.90
C HIS B 117 3.23 13.56 -29.31
N TYR B 118 4.05 12.50 -29.43
CA TYR B 118 4.10 11.63 -30.58
C TYR B 118 2.78 10.97 -30.91
N LEU B 119 2.23 10.31 -29.96
CA LEU B 119 0.94 9.65 -30.17
C LEU B 119 -0.11 10.65 -30.60
N HIS B 120 -0.13 11.82 -29.98
CA HIS B 120 -1.14 12.84 -30.30
C HIS B 120 -1.00 13.49 -31.62
N MET B 121 0.21 13.87 -31.98
CA MET B 121 0.39 14.81 -33.08
C MET B 121 1.35 14.37 -34.17
N GLU B 122 2.27 13.45 -33.94
CA GLU B 122 3.37 13.27 -34.89
C GLU B 122 3.39 11.97 -35.60
N ALA B 123 2.73 10.98 -35.00
CA ALA B 123 2.58 9.67 -35.59
C ALA B 123 1.65 9.81 -36.77
N PRO B 124 1.67 8.85 -37.67
CA PRO B 124 0.91 9.03 -38.91
C PRO B 124 -0.53 8.78 -38.61
N VAL B 125 -0.88 8.24 -37.47
CA VAL B 125 -2.34 8.19 -37.02
C VAL B 125 -2.37 8.74 -35.59
N LYS B 126 -3.37 9.52 -35.30
CA LYS B 126 -3.65 10.16 -34.07
C LYS B 126 -4.07 9.11 -32.97
N VAL B 127 -3.38 9.05 -31.84
CA VAL B 127 -3.73 8.07 -30.81
C VAL B 127 -3.95 8.84 -29.49
N ILE B 128 -5.14 8.72 -28.93
CA ILE B 128 -5.42 9.25 -27.59
C ILE B 128 -5.38 8.02 -26.69
N HIS B 129 -4.58 8.04 -25.63
CA HIS B 129 -4.30 6.79 -24.86
C HIS B 129 -5.54 6.48 -24.14
N ARG B 130 -6.00 7.44 -23.30
CA ARG B 130 -7.20 7.32 -22.51
C ARG B 130 -7.07 6.43 -21.24
N ASP B 131 -5.92 5.87 -20.98
CA ASP B 131 -5.69 5.12 -19.71
C ASP B 131 -4.19 5.17 -19.34
N LEU B 132 -3.63 6.37 -19.47
CA LEU B 132 -2.27 6.61 -19.12
C LEU B 132 -2.26 6.56 -17.55
N LYS B 133 -1.30 5.78 -16.99
CA LYS B 133 -1.05 5.56 -15.50
C LYS B 133 0.30 4.95 -15.33
N SER B 134 0.80 4.98 -14.11
CA SER B 134 2.11 4.48 -13.84
C SER B 134 2.27 2.99 -14.09
N ARG B 135 1.21 2.21 -14.01
CA ARG B 135 1.32 0.80 -14.34
C ARG B 135 1.39 0.55 -15.86
N ASN B 136 1.08 1.59 -16.68
CA ASN B 136 1.21 1.55 -18.20
C ASN B 136 2.46 2.17 -18.73
N VAL B 137 3.42 2.44 -17.85
CA VAL B 137 4.74 2.90 -18.28
C VAL B 137 5.75 1.92 -17.70
N VAL B 138 6.70 1.49 -18.54
CA VAL B 138 7.70 0.56 -18.19
C VAL B 138 9.05 1.16 -18.39
N ILE B 139 10.08 0.48 -17.86
CA ILE B 139 11.39 1.07 -17.78
C ILE B 139 12.31 0.13 -18.53
N ALA B 140 12.94 0.64 -19.60
CA ALA B 140 13.85 -0.19 -20.30
C ALA B 140 15.19 -0.23 -19.55
N ALA B 141 15.99 -1.22 -19.98
CA ALA B 141 17.30 -1.58 -19.39
C ALA B 141 18.17 -0.40 -19.35
N ASP B 142 18.04 0.49 -20.33
CA ASP B 142 18.88 1.68 -20.37
C ASP B 142 18.28 2.82 -19.60
N GLY B 143 17.16 2.64 -18.92
CA GLY B 143 16.64 3.74 -18.08
C GLY B 143 15.52 4.58 -18.75
N VAL B 144 15.19 4.29 -20.03
CA VAL B 144 14.30 5.10 -20.79
C VAL B 144 12.92 4.54 -20.51
N LEU B 145 12.02 5.49 -20.30
CA LEU B 145 10.60 5.18 -20.13
C LEU B 145 9.89 4.96 -21.47
N LYS B 146 9.04 3.96 -21.48
CA LYS B 146 8.28 3.48 -22.62
C LYS B 146 6.77 3.43 -22.17
N ILE B 147 5.94 4.17 -22.88
CA ILE B 147 4.50 4.00 -22.72
C ILE B 147 4.02 2.74 -23.42
N CYS B 148 3.03 2.10 -22.80
CA CYS B 148 2.43 0.96 -23.38
C CYS B 148 1.03 0.92 -23.10
N ASP B 149 0.40 -0.09 -23.65
CA ASP B 149 -1.05 -0.31 -23.48
C ASP B 149 -1.99 0.69 -24.23
N PHE B 150 -1.45 1.30 -25.25
CA PHE B 150 -2.11 2.42 -25.92
C PHE B 150 -3.00 1.85 -26.99
N GLY B 151 -2.66 0.68 -27.53
CA GLY B 151 -3.54 -0.13 -28.38
C GLY B 151 -4.54 -0.93 -27.61
N GLY B 166 -10.00 0.69 -9.54
CA GLY B 166 -8.60 0.74 -9.18
C GLY B 166 -7.85 1.74 -10.05
N THR B 167 -8.48 2.30 -11.10
CA THR B 167 -7.84 3.28 -11.96
C THR B 167 -8.32 4.69 -11.97
N PHE B 168 -9.35 4.95 -11.19
CA PHE B 168 -9.93 6.27 -11.07
C PHE B 168 -9.00 7.36 -10.66
N PRO B 169 -7.99 7.04 -9.82
CA PRO B 169 -7.04 8.11 -9.47
C PRO B 169 -6.27 8.77 -10.64
N TRP B 170 -6.09 8.03 -11.75
CA TRP B 170 -5.46 8.54 -12.96
C TRP B 170 -6.42 9.11 -13.98
N MET B 171 -7.72 8.97 -13.73
CA MET B 171 -8.68 9.33 -14.81
C MET B 171 -9.13 10.76 -14.70
N ALA B 172 -8.97 11.54 -15.76
CA ALA B 172 -9.71 12.84 -15.88
C ALA B 172 -11.22 12.67 -15.57
N PRO B 173 -11.83 13.74 -15.02
CA PRO B 173 -13.26 13.61 -14.70
C PRO B 173 -14.21 13.34 -15.91
N GLU B 174 -13.92 13.91 -17.08
CA GLU B 174 -14.67 13.53 -18.33
C GLU B 174 -14.67 12.02 -18.61
N VAL B 175 -13.57 11.39 -18.23
CA VAL B 175 -13.34 10.00 -18.53
C VAL B 175 -14.16 9.21 -17.54
N ILE B 176 -14.12 9.65 -16.27
CA ILE B 176 -14.87 9.02 -15.21
C ILE B 176 -16.36 9.10 -15.48
N GLN B 177 -16.81 10.24 -16.02
CA GLN B 177 -18.21 10.40 -16.45
C GLN B 177 -18.60 9.83 -17.81
N SER B 178 -17.72 9.10 -18.54
CA SER B 178 -18.04 8.61 -19.93
C SER B 178 -18.60 9.66 -20.82
N LEU B 179 -17.98 10.82 -20.82
CA LEU B 179 -18.27 11.92 -21.69
C LEU B 179 -17.32 11.96 -22.95
N PRO B 180 -17.65 12.82 -23.92
CA PRO B 180 -16.67 12.90 -25.01
C PRO B 180 -15.30 13.36 -24.50
N VAL B 181 -14.26 12.71 -25.00
CA VAL B 181 -12.89 13.05 -24.60
C VAL B 181 -12.11 13.71 -25.72
N SER B 182 -11.12 14.49 -25.32
CA SER B 182 -10.09 14.88 -26.19
C SER B 182 -8.68 14.51 -25.64
N GLU B 183 -7.68 14.94 -26.39
CA GLU B 183 -6.29 14.83 -25.95
C GLU B 183 -5.97 15.16 -24.48
N THR B 184 -6.61 16.20 -24.01
CA THR B 184 -6.37 16.72 -22.68
C THR B 184 -6.72 15.74 -21.58
N CYS B 185 -7.53 14.72 -21.86
CA CYS B 185 -7.74 13.66 -20.90
C CYS B 185 -6.40 12.95 -20.49
N ASP B 186 -5.57 12.74 -21.48
CA ASP B 186 -4.24 12.26 -21.30
C ASP B 186 -3.38 13.24 -20.57
N THR B 187 -3.58 14.58 -20.73
CA THR B 187 -2.84 15.58 -19.94
C THR B 187 -3.02 15.44 -18.38
N TYR B 188 -4.25 15.18 -17.99
CA TYR B 188 -4.65 15.01 -16.63
C TYR B 188 -3.88 13.86 -16.01
N SER B 189 -4.02 12.70 -16.69
CA SER B 189 -3.36 11.55 -16.30
C SER B 189 -1.88 11.73 -16.14
N TYR B 190 -1.23 12.40 -17.08
CA TYR B 190 0.20 12.67 -16.99
C TYR B 190 0.51 13.43 -15.71
N GLY B 191 -0.39 14.33 -15.30
CA GLY B 191 -0.19 15.09 -14.06
C GLY B 191 -0.04 14.12 -12.87
N VAL B 192 -0.96 13.18 -12.79
CA VAL B 192 -0.99 12.20 -11.68
C VAL B 192 0.33 11.43 -11.64
N VAL B 193 0.78 11.04 -12.81
CA VAL B 193 2.03 10.37 -12.88
C VAL B 193 3.24 11.23 -12.43
N LEU B 194 3.24 12.48 -12.81
CA LEU B 194 4.27 13.38 -12.37
C LEU B 194 4.24 13.50 -10.82
N TRP B 195 3.04 13.58 -10.26
CA TRP B 195 2.83 13.73 -8.83
C TRP B 195 3.39 12.49 -8.12
N GLU B 196 3.03 11.31 -8.67
CA GLU B 196 3.58 10.06 -8.24
C GLU B 196 5.08 10.15 -8.15
N MET B 197 5.74 10.70 -9.19
CA MET B 197 7.24 10.73 -9.25
C MET B 197 7.85 11.65 -8.23
N LEU B 198 7.19 12.77 -8.02
CA LEU B 198 7.59 13.71 -7.01
C LEU B 198 7.37 13.19 -5.58
N THR B 199 6.24 12.57 -5.31
CA THR B 199 5.89 12.28 -3.96
C THR B 199 6.38 10.89 -3.58
N ARG B 200 6.61 10.03 -4.59
CA ARG B 200 6.76 8.59 -4.40
C ARG B 200 5.65 8.01 -3.51
N GLU B 201 4.43 8.48 -3.70
CA GLU B 201 3.28 7.95 -2.99
C GLU B 201 2.31 7.42 -4.02
N VAL B 202 1.34 6.65 -3.52
CA VAL B 202 0.27 6.05 -4.31
C VAL B 202 -0.89 7.03 -4.26
N PRO B 203 -1.44 7.44 -5.41
CA PRO B 203 -2.60 8.37 -5.47
C PRO B 203 -3.88 7.91 -4.75
N PHE B 204 -4.41 8.74 -3.83
CA PHE B 204 -5.60 8.42 -3.06
C PHE B 204 -5.52 7.02 -2.40
N LYS B 205 -4.32 6.63 -1.97
CA LYS B 205 -4.06 5.39 -1.24
C LYS B 205 -5.09 5.11 -0.16
N GLY B 206 -5.70 3.95 -0.12
CA GLY B 206 -6.79 3.69 0.77
C GLY B 206 -8.20 3.80 0.26
N LEU B 207 -8.47 4.72 -0.65
CA LEU B 207 -9.88 5.10 -0.88
C LEU B 207 -10.58 4.09 -1.77
N GLU B 208 -11.88 3.87 -1.56
CA GLU B 208 -12.66 3.11 -2.51
C GLU B 208 -12.65 3.94 -3.81
N GLY B 209 -12.65 3.27 -4.95
CA GLY B 209 -12.61 3.96 -6.26
C GLY B 209 -13.82 4.87 -6.42
N LEU B 210 -14.93 4.33 -5.99
CA LEU B 210 -16.19 5.01 -6.10
C LEU B 210 -16.19 6.27 -5.27
N GLN B 211 -15.52 6.22 -4.13
CA GLN B 211 -15.36 7.43 -3.38
C GLN B 211 -14.47 8.38 -4.15
N VAL B 212 -13.36 7.91 -4.73
CA VAL B 212 -12.48 8.76 -5.57
C VAL B 212 -13.24 9.45 -6.77
N ALA B 213 -14.09 8.66 -7.42
CA ALA B 213 -14.86 9.15 -8.58
C ALA B 213 -15.67 10.33 -8.18
N TRP B 214 -16.42 10.13 -7.09
CA TRP B 214 -17.34 11.15 -6.57
C TRP B 214 -16.52 12.40 -6.15
N LEU B 215 -15.38 12.21 -5.51
CA LEU B 215 -14.59 13.37 -5.04
C LEU B 215 -14.01 14.24 -6.18
N VAL B 216 -13.55 13.51 -7.20
CA VAL B 216 -12.79 14.07 -8.31
C VAL B 216 -13.83 14.79 -9.12
N VAL B 217 -14.98 14.14 -9.36
CA VAL B 217 -16.02 14.75 -10.22
C VAL B 217 -16.87 15.77 -9.51
N GLU B 218 -17.37 15.43 -8.31
CA GLU B 218 -18.27 16.30 -7.55
C GLU B 218 -17.64 17.43 -6.84
N LYS B 219 -16.45 17.23 -6.33
CA LYS B 219 -15.96 18.19 -5.36
C LYS B 219 -14.73 18.87 -5.86
N ASN B 220 -14.32 18.53 -7.08
CA ASN B 220 -13.05 18.99 -7.67
C ASN B 220 -11.91 18.73 -6.74
N GLU B 221 -11.91 17.54 -6.16
CA GLU B 221 -10.78 17.10 -5.38
C GLU B 221 -9.68 16.60 -6.35
N ARG B 222 -8.47 16.98 -6.01
CA ARG B 222 -7.25 16.66 -6.68
C ARG B 222 -6.27 16.19 -5.65
N LEU B 223 -5.24 15.48 -6.08
CA LEU B 223 -4.20 15.05 -5.18
C LEU B 223 -3.56 16.22 -4.37
N THR B 224 -3.23 16.01 -3.09
CA THR B 224 -2.57 17.10 -2.39
C THR B 224 -1.05 17.26 -2.71
N ILE B 225 -0.68 18.50 -3.01
CA ILE B 225 0.69 18.85 -3.35
C ILE B 225 1.37 19.46 -2.11
N PRO B 226 2.36 18.80 -1.51
CA PRO B 226 3.00 19.45 -0.37
C PRO B 226 3.23 20.97 -0.54
N SER B 227 3.03 21.71 0.56
CA SER B 227 3.29 23.15 0.60
C SER B 227 4.79 23.43 0.21
N SER B 228 5.74 22.54 0.59
CA SER B 228 7.19 22.72 0.26
C SER B 228 7.56 22.22 -1.18
N CYS B 229 6.60 21.72 -1.95
CA CYS B 229 6.89 21.32 -3.33
C CYS B 229 7.09 22.62 -4.14
N PRO B 230 8.23 22.77 -4.87
CA PRO B 230 8.56 23.94 -5.73
C PRO B 230 7.39 24.39 -6.54
N ARG B 231 7.22 25.69 -6.76
CA ARG B 231 5.93 26.10 -7.23
C ARG B 231 5.85 25.85 -8.77
N SER B 232 7.00 25.83 -9.45
CA SER B 232 7.09 25.46 -10.87
C SER B 232 6.39 24.16 -11.20
N PHE B 233 6.72 23.12 -10.39
CA PHE B 233 6.09 21.79 -10.41
C PHE B 233 4.60 21.90 -9.98
N ALA B 234 4.35 22.67 -8.93
CA ALA B 234 3.01 22.73 -8.33
C ALA B 234 2.07 23.33 -9.36
N GLU B 235 2.53 24.37 -10.01
CA GLU B 235 1.71 25.06 -11.06
C GLU B 235 1.46 24.14 -12.24
N LEU B 236 2.49 23.44 -12.70
CA LEU B 236 2.26 22.45 -13.80
C LEU B 236 1.10 21.47 -13.53
N LEU B 237 1.12 20.94 -12.28
CA LEU B 237 0.12 19.98 -11.80
C LEU B 237 -1.26 20.55 -11.77
N HIS B 238 -1.44 21.70 -11.10
CA HIS B 238 -2.74 22.42 -11.13
C HIS B 238 -3.22 22.65 -12.59
N GLN B 239 -2.35 23.10 -13.46
CA GLN B 239 -2.80 23.24 -14.85
C GLN B 239 -3.14 21.93 -15.49
N CYS B 240 -2.40 20.84 -15.17
CA CYS B 240 -2.80 19.53 -15.77
C CYS B 240 -4.14 19.04 -15.23
N TRP B 241 -4.49 19.54 -14.06
CA TRP B 241 -5.62 19.00 -13.34
C TRP B 241 -6.86 19.85 -13.48
N GLU B 242 -6.83 20.95 -14.25
CA GLU B 242 -8.06 21.77 -14.49
C GLU B 242 -9.24 20.87 -14.79
N ALA B 243 -10.37 21.12 -14.14
CA ALA B 243 -11.61 20.37 -14.42
C ALA B 243 -12.12 20.68 -15.85
N ASP B 244 -11.87 21.90 -16.29
CA ASP B 244 -12.23 22.32 -17.62
C ASP B 244 -11.14 21.78 -18.51
N ALA B 245 -11.43 20.64 -19.14
CA ALA B 245 -10.49 19.95 -20.06
C ALA B 245 -9.71 20.92 -20.97
N LYS B 246 -10.37 21.97 -21.46
CA LYS B 246 -9.69 22.87 -22.37
C LYS B 246 -8.68 23.81 -21.74
N LYS B 247 -8.69 23.99 -20.45
CA LYS B 247 -7.62 24.77 -19.88
C LYS B 247 -6.35 23.97 -19.65
N ARG B 248 -6.41 22.67 -19.82
CA ARG B 248 -5.26 21.84 -19.54
C ARG B 248 -4.35 22.04 -20.69
N PRO B 249 -3.02 22.09 -20.43
CA PRO B 249 -2.09 22.21 -21.58
C PRO B 249 -1.97 20.93 -22.48
N SER B 250 -1.46 21.19 -23.66
CA SER B 250 -1.18 20.22 -24.67
C SER B 250 0.25 19.66 -24.27
N PHE B 251 0.57 18.50 -24.78
CA PHE B 251 1.87 17.99 -24.54
C PHE B 251 3.03 18.77 -25.03
N LYS B 252 2.84 19.38 -26.20
CA LYS B 252 3.76 20.37 -26.70
C LYS B 252 4.03 21.51 -25.70
N GLN B 253 3.00 22.10 -25.11
CA GLN B 253 3.21 23.14 -24.05
C GLN B 253 3.90 22.49 -22.89
N ILE B 254 3.55 21.25 -22.57
CA ILE B 254 4.16 20.69 -21.37
C ILE B 254 5.66 20.57 -21.63
N ILE B 255 6.03 20.18 -22.84
CA ILE B 255 7.45 19.95 -23.13
C ILE B 255 8.25 21.27 -22.96
N SER B 256 7.61 22.32 -23.44
CA SER B 256 8.10 23.68 -23.32
C SER B 256 8.26 24.21 -21.85
N ILE B 257 7.19 24.07 -21.06
CA ILE B 257 7.29 24.39 -19.66
C ILE B 257 8.45 23.60 -19.09
N LEU B 258 8.55 22.33 -19.44
CA LEU B 258 9.62 21.49 -18.85
C LEU B 258 11.00 21.96 -19.27
N GLU B 259 11.13 22.47 -20.50
CA GLU B 259 12.44 23.03 -20.91
C GLU B 259 12.90 24.26 -20.08
N SER B 260 11.99 25.19 -19.72
CA SER B 260 12.44 26.32 -18.88
C SER B 260 12.67 25.90 -17.46
N MET B 261 11.95 24.86 -17.03
CA MET B 261 12.27 24.28 -15.76
C MET B 261 13.74 23.80 -15.74
N SER B 262 14.15 23.09 -16.77
CA SER B 262 15.56 22.69 -16.99
C SER B 262 16.59 23.78 -17.20
N ASN B 263 16.14 25.00 -17.50
CA ASN B 263 17.03 26.14 -17.59
C ASN B 263 17.10 26.95 -16.33
N ASP B 264 16.21 26.65 -15.38
CA ASP B 264 16.19 27.30 -14.11
C ASP B 264 17.38 26.81 -13.24
N THR B 265 18.30 27.74 -13.03
CA THR B 265 19.56 27.47 -12.36
C THR B 265 19.32 27.30 -10.85
N SER B 266 18.31 27.99 -10.32
CA SER B 266 17.86 27.80 -8.92
C SER B 266 17.13 26.50 -8.58
N LEU B 267 16.30 26.04 -9.56
CA LEU B 267 15.24 25.03 -9.34
C LEU B 267 15.74 23.76 -8.73
N PRO B 268 16.93 23.26 -9.14
CA PRO B 268 17.49 22.01 -8.56
C PRO B 268 17.71 21.97 -7.07
N ASP B 269 18.16 23.08 -6.48
CA ASP B 269 18.25 23.13 -5.00
C ASP B 269 16.90 22.96 -4.35
N LYS B 270 15.93 23.72 -4.85
CA LYS B 270 14.57 23.74 -4.31
C LYS B 270 13.93 22.36 -4.34
N CYS B 271 14.13 21.68 -5.45
CA CYS B 271 13.52 20.40 -5.67
C CYS B 271 14.17 19.33 -4.85
N ASN B 272 15.50 19.29 -4.89
CA ASN B 272 16.27 18.24 -4.17
C ASN B 272 16.20 18.34 -2.66
N SER B 273 15.95 19.58 -2.17
CA SER B 273 15.67 19.85 -0.75
C SER B 273 14.28 19.36 -0.39
N PHE B 274 13.29 19.76 -1.21
CA PHE B 274 11.93 19.21 -1.10
C PHE B 274 11.95 17.69 -1.07
N LEU B 275 12.75 17.11 -1.96
CA LEU B 275 12.84 15.63 -2.07
C LEU B 275 13.60 14.98 -0.93
N HIS B 276 14.58 15.66 -0.35
CA HIS B 276 15.29 15.10 0.82
C HIS B 276 14.52 15.33 2.09
N ASN B 277 13.31 15.89 2.03
CA ASN B 277 12.55 16.22 3.23
C ASN B 277 11.16 15.58 3.40
N LYS B 278 10.99 14.39 2.85
CA LYS B 278 9.73 13.67 2.97
C LYS B 278 9.29 13.35 4.45
N ALA B 279 10.29 13.05 5.31
CA ALA B 279 9.98 12.82 6.70
C ALA B 279 8.97 13.89 7.17
N GLU B 280 9.16 15.13 6.68
CA GLU B 280 8.31 16.28 7.00
C GLU B 280 6.99 16.38 6.27
N TRP B 281 7.03 16.48 4.93
CA TRP B 281 5.78 16.74 4.22
C TRP B 281 4.86 15.52 4.06
N ARG B 282 5.32 14.30 4.35
CA ARG B 282 4.40 13.18 4.12
C ARG B 282 3.07 13.28 4.88
N CYS B 283 3.12 13.72 6.14
CA CYS B 283 1.93 13.79 7.02
C CYS B 283 0.88 14.70 6.41
N GLU B 284 1.33 15.65 5.59
CA GLU B 284 0.39 16.44 4.80
C GLU B 284 -0.49 15.64 3.92
N ILE B 285 0.03 14.61 3.30
CA ILE B 285 -0.80 13.72 2.46
C ILE B 285 -1.57 12.71 3.29
N GLU B 286 -0.83 12.09 4.23
CA GLU B 286 -1.53 11.13 5.09
C GLU B 286 -2.77 11.87 5.79
N ALA B 287 -2.62 13.15 6.11
CA ALA B 287 -3.77 13.93 6.71
C ALA B 287 -4.89 14.22 5.73
N THR B 288 -4.53 14.53 4.45
CA THR B 288 -5.65 14.77 3.57
C THR B 288 -6.44 13.48 3.46
N LEU B 289 -5.75 12.35 3.27
CA LEU B 289 -6.45 11.02 3.19
C LEU B 289 -7.40 10.79 4.35
N GLU B 290 -6.95 11.15 5.56
CA GLU B 290 -7.77 10.86 6.73
C GLU B 290 -9.01 11.74 6.66
N ARG B 291 -8.81 13.01 6.28
CA ARG B 291 -9.98 13.90 6.13
C ARG B 291 -11.01 13.24 5.13
N LEU B 292 -10.47 12.79 4.00
CA LEU B 292 -11.27 12.25 2.95
C LEU B 292 -12.00 10.96 3.38
N LYS B 293 -11.35 10.05 4.05
CA LYS B 293 -12.05 8.86 4.46
C LYS B 293 -13.16 9.25 5.50
N LYS B 294 -12.81 10.16 6.42
CA LYS B 294 -13.77 10.60 7.46
C LYS B 294 -15.07 10.91 6.80
N LEU B 295 -14.94 11.80 5.81
CA LEU B 295 -16.03 12.21 5.02
C LEU B 295 -16.85 11.03 4.52
N GLU B 296 -18.16 11.16 4.71
CA GLU B 296 -19.17 10.21 4.22
C GLU B 296 -20.51 10.93 4.07
#